data_8HT1
#
_entry.id   8HT1
#
_cell.length_a   75.756
_cell.length_b   81.034
_cell.length_c   143.796
_cell.angle_alpha   90.00
_cell.angle_beta   90.00
_cell.angle_gamma   90.00
#
_symmetry.space_group_name_H-M   'C 2 2 21'
#
loop_
_entity.id
_entity.type
_entity.pdbx_description
1 polymer 'Ig-like domain-containing protein'
2 polymer Beta-2-microglobulin
3 polymer THR-PRO-GLN-SER-ALA-PRO-HIS-GLY-VAL
4 water water
#
loop_
_entity_poly.entity_id
_entity_poly.type
_entity_poly.pdbx_seq_one_letter_code
_entity_poly.pdbx_strand_id
1 'polypeptide(L)'
;GPHSLRYFYTSVSRPGRGEPRFLAVGYVDDTQFVRFDSDAPNPKAEPRAPWVEQEDPEYFHRSTRIFKGAAQIDRGNLQT
LRGYYNQSEDGSHTIQRMFGCDLGPDGRLLRGYNQYAYDGADYIALNEDLTSWTAADMAAQITKRKWEAAGDAEHYRSYL
EGLCVKWLQIYLDKGKETLQRADPPKAHVTHHPVSAREVTLRCWALGFYPADISLTWQRDGEDQTQDMELVETRPAGDGT
FQKWAAVGVPPGEEQRYTCHVQHEGLPEPLTLKWE
;
A
2 'polypeptide(L)'
;EPRTPKIQVYSRHPAENGKPNYLNCYVYGFHPPQIEIDLLKNGQKMKTEQSDLSFSKDWSFYLLVHTDFTPSTVDEYSCR
VNHSSLAAPHMVKWDRNN
;
B
3 'polypeptide(L)' TPQSAPHGV C
#
# COMPACT_ATOMS: atom_id res chain seq x y z
N GLY A 1 -11.17 -18.17 -2.05
CA GLY A 1 -11.11 -16.86 -2.76
C GLY A 1 -9.80 -16.71 -3.53
N PRO A 2 -9.63 -15.58 -4.25
CA PRO A 2 -8.43 -15.32 -5.06
C PRO A 2 -7.23 -14.70 -4.33
N HIS A 3 -6.47 -15.51 -3.60
CA HIS A 3 -5.30 -15.07 -2.79
C HIS A 3 -4.13 -14.73 -3.70
N SER A 4 -3.21 -13.92 -3.19
CA SER A 4 -2.07 -13.40 -3.99
C SER A 4 -0.80 -13.34 -3.13
N LEU A 5 0.34 -13.68 -3.70
CA LEU A 5 1.67 -13.41 -3.09
C LEU A 5 2.33 -12.34 -3.95
N ARG A 6 2.74 -11.22 -3.37
CA ARG A 6 3.31 -10.10 -4.13
C ARG A 6 4.56 -9.59 -3.42
N TYR A 7 5.64 -9.41 -4.18
CA TYR A 7 6.87 -8.76 -3.71
C TYR A 7 6.95 -7.37 -4.37
N PHE A 8 7.41 -6.36 -3.64
CA PHE A 8 7.53 -4.96 -4.11
C PHE A 8 8.99 -4.53 -3.93
N TYR A 9 9.76 -4.32 -5.01
CA TYR A 9 11.19 -3.90 -4.94
C TYR A 9 11.32 -2.44 -5.36
N THR A 10 12.00 -1.62 -4.55
CA THR A 10 12.26 -0.20 -4.83
C THR A 10 13.75 0.11 -4.63
N SER A 11 14.41 0.62 -5.67
CA SER A 11 15.81 1.13 -5.59
C SER A 11 15.86 2.61 -6.02
N VAL A 12 16.60 3.40 -5.25
CA VAL A 12 16.68 4.88 -5.33
C VAL A 12 18.17 5.23 -5.38
N SER A 13 18.60 5.88 -6.44
CA SER A 13 20.01 6.30 -6.48
C SER A 13 20.12 7.60 -5.69
N ARG A 14 21.25 7.84 -5.07
CA ARG A 14 21.41 9.09 -4.31
C ARG A 14 22.78 9.65 -4.68
N PRO A 15 22.89 10.37 -5.81
CA PRO A 15 24.18 10.89 -6.28
C PRO A 15 24.92 11.66 -5.20
N GLY A 16 26.19 11.33 -5.00
CA GLY A 16 27.00 11.98 -3.96
C GLY A 16 26.96 11.23 -2.64
N ARG A 17 25.77 10.79 -2.20
CA ARG A 17 25.57 10.07 -0.91
C ARG A 17 25.77 8.56 -1.05
N GLY A 18 26.69 8.11 -1.88
CA GLY A 18 26.95 6.67 -1.97
C GLY A 18 26.14 5.93 -3.00
N GLU A 19 26.04 4.62 -2.80
CA GLU A 19 25.35 3.70 -3.73
C GLU A 19 23.84 3.72 -3.49
N PRO A 20 23.05 3.20 -4.42
CA PRO A 20 21.61 3.15 -4.27
C PRO A 20 21.11 2.35 -3.07
N ARG A 21 19.93 2.71 -2.58
CA ARG A 21 19.31 1.99 -1.47
C ARG A 21 18.26 1.03 -2.04
N PHE A 22 18.24 -0.20 -1.57
CA PHE A 22 17.26 -1.22 -2.02
C PHE A 22 16.28 -1.51 -0.87
N LEU A 23 14.99 -1.49 -1.17
CA LEU A 23 13.93 -1.83 -0.17
C LEU A 23 13.02 -2.88 -0.80
N ALA A 24 12.76 -3.96 -0.10
CA ALA A 24 11.80 -4.98 -0.56
C ALA A 24 10.79 -5.24 0.53
N VAL A 25 9.54 -5.51 0.14
CA VAL A 25 8.48 -6.00 1.08
C VAL A 25 7.70 -7.07 0.34
N GLY A 26 7.18 -8.05 1.06
CA GLY A 26 6.31 -9.08 0.51
C GLY A 26 5.02 -9.12 1.28
N TYR A 27 3.94 -9.39 0.57
CA TYR A 27 2.54 -9.38 1.02
C TYR A 27 1.87 -10.68 0.57
N VAL A 28 1.00 -11.22 1.41
CA VAL A 28 -0.05 -12.20 1.03
C VAL A 28 -1.37 -11.45 1.17
N ASP A 29 -2.13 -11.31 0.09
CA ASP A 29 -3.33 -10.44 0.08
C ASP A 29 -2.92 -9.09 0.65
N ASP A 30 -3.66 -8.56 1.64
CA ASP A 30 -3.40 -7.21 2.18
C ASP A 30 -2.50 -7.29 3.41
N THR A 31 -1.71 -8.37 3.58
CA THR A 31 -0.91 -8.55 4.81
C THR A 31 0.57 -8.57 4.49
N GLN A 32 1.32 -7.62 5.03
CA GLN A 32 2.79 -7.58 4.88
C GLN A 32 3.39 -8.64 5.79
N PHE A 33 4.35 -9.43 5.29
CA PHE A 33 4.93 -10.57 6.04
C PHE A 33 6.46 -10.57 5.99
N VAL A 34 7.10 -9.82 5.09
CA VAL A 34 8.58 -9.61 5.11
C VAL A 34 8.96 -8.18 4.70
N ARG A 35 10.17 -7.79 5.10
CA ARG A 35 10.85 -6.55 4.65
C ARG A 35 12.35 -6.83 4.50
N PHE A 36 13.05 -5.97 3.77
CA PHE A 36 14.52 -5.97 3.64
C PHE A 36 14.90 -4.52 3.33
N ASP A 37 16.05 -4.08 3.84
CA ASP A 37 16.56 -2.71 3.59
C ASP A 37 18.07 -2.82 3.46
N SER A 38 18.62 -2.45 2.31
CA SER A 38 20.07 -2.58 2.02
C SER A 38 20.87 -1.59 2.88
N ASP A 39 20.25 -0.56 3.48
CA ASP A 39 20.97 0.34 4.42
C ASP A 39 21.07 -0.27 5.84
N ALA A 40 20.29 -1.30 6.18
CA ALA A 40 20.37 -1.95 7.51
C ALA A 40 21.80 -2.45 7.72
N PRO A 41 22.39 -2.34 8.93
CA PRO A 41 23.69 -2.95 9.19
C PRO A 41 23.49 -4.47 9.18
N ASN A 42 24.30 -5.18 8.38
CA ASN A 42 24.18 -6.65 8.19
C ASN A 42 22.74 -6.93 7.78
N PRO A 43 22.32 -6.50 6.58
CA PRO A 43 20.90 -6.46 6.23
C PRO A 43 20.34 -7.87 6.02
N LYS A 44 19.13 -8.13 6.51
CA LYS A 44 18.50 -9.48 6.46
C LYS A 44 17.02 -9.33 6.10
N ALA A 45 16.44 -10.38 5.53
CA ALA A 45 14.97 -10.53 5.41
C ALA A 45 14.44 -10.66 6.85
N GLU A 46 13.48 -9.81 7.22
CA GLU A 46 12.90 -9.69 8.58
C GLU A 46 11.42 -9.99 8.51
N PRO A 47 10.90 -10.93 9.35
CA PRO A 47 9.48 -11.22 9.37
C PRO A 47 8.72 -10.00 9.89
N ARG A 48 7.48 -9.80 9.43
CA ARG A 48 6.62 -8.66 9.83
C ARG A 48 5.18 -9.13 10.01
N ALA A 49 4.93 -10.43 9.97
CA ALA A 49 3.65 -11.02 10.41
C ALA A 49 3.97 -12.13 11.40
N PRO A 50 3.08 -12.41 12.39
CA PRO A 50 3.31 -13.46 13.38
C PRO A 50 3.69 -14.83 12.79
N TRP A 51 3.00 -15.23 11.72
CA TRP A 51 2.94 -16.61 11.17
C TRP A 51 4.16 -16.94 10.29
N VAL A 52 5.08 -16.00 10.01
CA VAL A 52 6.29 -16.30 9.19
C VAL A 52 7.49 -16.53 10.10
N GLU A 53 7.38 -16.22 11.39
CA GLU A 53 8.44 -16.49 12.39
C GLU A 53 8.63 -18.01 12.58
N GLN A 54 7.64 -18.78 12.10
CA GLN A 54 7.52 -20.26 12.22
C GLN A 54 8.01 -20.92 10.92
N GLU A 55 9.03 -20.33 10.28
CA GLU A 55 9.94 -20.99 9.31
C GLU A 55 11.28 -21.16 10.04
N ASP A 56 12.19 -21.96 9.46
CA ASP A 56 13.57 -22.17 9.97
C ASP A 56 14.41 -20.92 9.66
N PRO A 57 15.53 -20.69 10.38
CA PRO A 57 16.46 -19.61 10.03
C PRO A 57 16.82 -19.63 8.54
N GLU A 58 16.99 -20.83 7.96
CA GLU A 58 17.39 -21.02 6.53
C GLU A 58 16.36 -20.34 5.61
N TYR A 59 15.07 -20.28 5.99
CA TYR A 59 14.04 -19.60 5.16
C TYR A 59 14.45 -18.13 5.00
N PHE A 60 14.83 -17.49 6.10
CA PHE A 60 15.27 -16.06 6.12
C PHE A 60 16.62 -15.96 5.42
N HIS A 61 17.50 -16.95 5.61
CA HIS A 61 18.83 -17.02 4.95
C HIS A 61 18.64 -16.97 3.44
N ARG A 62 17.64 -17.71 2.95
CA ARG A 62 17.35 -17.83 1.51
C ARG A 62 16.89 -16.45 1.01
N SER A 63 15.85 -15.91 1.66
CA SER A 63 15.26 -14.63 1.24
C SER A 63 16.35 -13.55 1.26
N THR A 64 17.21 -13.55 2.28
CA THR A 64 18.36 -12.63 2.46
C THR A 64 19.27 -12.68 1.23
N ARG A 65 19.64 -13.88 0.79
CA ARG A 65 20.54 -14.08 -0.39
C ARG A 65 19.89 -13.43 -1.60
N ILE A 66 18.61 -13.67 -1.79
CA ILE A 66 17.85 -13.24 -3.01
C ILE A 66 17.74 -11.71 -2.98
N PHE A 67 17.40 -11.12 -1.83
CA PHE A 67 17.26 -9.64 -1.69
C PHE A 67 18.63 -8.95 -1.92
N LYS A 68 19.74 -9.60 -1.53
CA LYS A 68 21.10 -9.03 -1.74
C LYS A 68 21.43 -9.07 -3.23
N GLY A 69 21.03 -10.14 -3.91
CA GLY A 69 21.10 -10.27 -5.37
C GLY A 69 20.32 -9.17 -6.06
N ALA A 70 19.04 -9.00 -5.71
CA ALA A 70 18.14 -7.95 -6.26
C ALA A 70 18.73 -6.55 -6.01
N ALA A 71 19.36 -6.34 -4.84
CA ALA A 71 20.00 -5.06 -4.48
C ALA A 71 21.12 -4.76 -5.49
N GLN A 72 21.99 -5.73 -5.71
CA GLN A 72 23.17 -5.65 -6.62
C GLN A 72 22.70 -5.41 -8.05
N ILE A 73 21.77 -6.23 -8.56
CA ILE A 73 21.29 -6.14 -9.97
C ILE A 73 20.73 -4.73 -10.24
N ASP A 74 19.97 -4.18 -9.30
CA ASP A 74 19.33 -2.84 -9.41
C ASP A 74 20.40 -1.74 -9.44
N ARG A 75 21.56 -1.95 -8.81
CA ARG A 75 22.68 -0.94 -8.77
C ARG A 75 23.21 -0.74 -10.20
N GLY A 76 23.23 -1.82 -10.98
CA GLY A 76 23.58 -1.80 -12.41
C GLY A 76 22.45 -1.21 -13.21
N ASN A 77 21.23 -1.66 -12.92
CA ASN A 77 20.01 -1.21 -13.61
C ASN A 77 19.97 0.31 -13.58
N LEU A 78 20.13 0.91 -12.42
CA LEU A 78 19.99 2.38 -12.29
C LEU A 78 21.06 3.04 -13.18
N GLN A 79 22.25 2.44 -13.26
CA GLN A 79 23.38 2.90 -14.10
C GLN A 79 23.01 2.72 -15.58
N THR A 80 22.54 1.55 -16.02
CA THR A 80 22.30 1.33 -17.47
C THR A 80 21.09 2.20 -17.90
N LEU A 81 20.10 2.40 -17.03
CA LEU A 81 18.88 3.21 -17.35
C LEU A 81 19.26 4.69 -17.51
N ARG A 82 20.17 5.19 -16.70
CA ARG A 82 20.69 6.55 -16.85
C ARG A 82 21.32 6.65 -18.25
N GLY A 83 22.05 5.62 -18.70
CA GLY A 83 22.64 5.55 -20.05
C GLY A 83 21.56 5.52 -21.13
N TYR A 84 20.52 4.69 -20.96
CA TYR A 84 19.44 4.51 -21.96
C TYR A 84 18.78 5.85 -22.23
N TYR A 85 18.53 6.63 -21.17
CA TYR A 85 17.82 7.93 -21.27
C TYR A 85 18.84 9.07 -21.45
N ASN A 86 20.14 8.76 -21.49
CA ASN A 86 21.21 9.77 -21.68
C ASN A 86 21.06 10.87 -20.61
N GLN A 87 20.79 10.47 -19.38
CA GLN A 87 20.64 11.39 -18.22
C GLN A 87 22.02 11.63 -17.60
N SER A 88 22.22 12.82 -17.02
CA SER A 88 23.40 13.19 -16.21
C SER A 88 23.42 12.40 -14.90
N GLU A 89 24.51 12.55 -14.13
CA GLU A 89 24.80 11.75 -12.91
C GLU A 89 24.11 12.38 -11.71
N ASP A 90 23.58 13.60 -11.82
CA ASP A 90 23.28 14.44 -10.64
C ASP A 90 21.89 14.14 -10.07
N GLY A 91 20.92 13.76 -10.90
CA GLY A 91 19.52 13.52 -10.47
C GLY A 91 19.33 12.16 -9.84
N SER A 92 18.44 12.04 -8.87
CA SER A 92 18.11 10.74 -8.26
C SER A 92 17.05 10.07 -9.12
N HIS A 93 17.13 8.76 -9.30
CA HIS A 93 16.16 8.04 -10.13
C HIS A 93 15.62 6.84 -9.37
N THR A 94 14.54 6.25 -9.85
CA THR A 94 13.91 5.13 -9.12
C THR A 94 13.61 3.94 -10.03
N ILE A 95 13.96 2.75 -9.60
CA ILE A 95 13.46 1.52 -10.29
C ILE A 95 12.56 0.75 -9.32
N GLN A 96 11.39 0.37 -9.80
CA GLN A 96 10.40 -0.41 -9.03
C GLN A 96 10.14 -1.71 -9.79
N ARG A 97 9.97 -2.81 -9.05
CA ARG A 97 9.51 -4.08 -9.63
C ARG A 97 8.41 -4.63 -8.73
N MET A 98 7.34 -5.10 -9.33
CA MET A 98 6.27 -5.80 -8.60
C MET A 98 6.12 -7.15 -9.29
N PHE A 99 6.25 -8.26 -8.56
CA PHE A 99 6.06 -9.59 -9.13
C PHE A 99 5.35 -10.46 -8.10
N GLY A 100 4.69 -11.49 -8.59
CA GLY A 100 4.06 -12.50 -7.73
C GLY A 100 3.08 -13.30 -8.55
N CYS A 101 2.11 -13.91 -7.88
CA CYS A 101 1.16 -14.85 -8.48
C CYS A 101 -0.17 -14.74 -7.75
N ASP A 102 -1.26 -14.90 -8.51
CA ASP A 102 -2.65 -15.05 -8.00
C ASP A 102 -3.03 -16.53 -8.08
N LEU A 103 -3.68 -17.00 -7.03
CA LEU A 103 -4.16 -18.38 -6.90
C LEU A 103 -5.68 -18.32 -6.98
N GLY A 104 -6.29 -19.00 -7.93
CA GLY A 104 -7.76 -18.96 -7.91
C GLY A 104 -8.28 -20.11 -7.08
N PRO A 105 -9.54 -20.12 -6.62
CA PRO A 105 -10.12 -21.25 -5.86
C PRO A 105 -9.74 -22.71 -6.20
N ASP A 106 -9.48 -23.04 -7.47
CA ASP A 106 -8.99 -24.38 -7.86
C ASP A 106 -7.72 -24.70 -7.07
N GLY A 107 -6.94 -23.69 -6.69
CA GLY A 107 -5.69 -23.91 -5.95
C GLY A 107 -4.51 -23.97 -6.89
N ARG A 108 -4.75 -23.68 -8.16
CA ARG A 108 -3.64 -23.66 -9.14
C ARG A 108 -3.42 -22.23 -9.60
N LEU A 109 -2.29 -21.97 -10.26
CA LEU A 109 -1.96 -20.61 -10.72
C LEU A 109 -3.02 -20.05 -11.66
N LEU A 110 -3.64 -18.96 -11.23
CA LEU A 110 -4.61 -18.15 -12.01
C LEU A 110 -3.83 -17.15 -12.88
N ARG A 111 -2.85 -16.47 -12.33
CA ARG A 111 -2.17 -15.40 -13.10
C ARG A 111 -0.82 -15.08 -12.46
N GLY A 112 0.22 -14.97 -13.30
CA GLY A 112 1.57 -14.52 -12.91
C GLY A 112 1.76 -13.06 -13.27
N TYR A 113 2.63 -12.36 -12.55
CA TYR A 113 2.97 -10.92 -12.73
C TYR A 113 4.47 -10.74 -12.63
N ASN A 114 5.02 -9.83 -13.41
CA ASN A 114 6.43 -9.38 -13.24
C ASN A 114 6.59 -8.12 -14.08
N GLN A 115 6.54 -6.95 -13.43
CA GLN A 115 6.48 -5.65 -14.12
C GLN A 115 7.44 -4.66 -13.45
N TYR A 116 7.90 -3.70 -14.25
CA TYR A 116 8.93 -2.72 -13.87
C TYR A 116 8.46 -1.32 -14.27
N ALA A 117 8.90 -0.33 -13.49
CA ALA A 117 8.70 1.13 -13.69
C ALA A 117 10.02 1.84 -13.48
N TYR A 118 10.32 2.86 -14.29
CA TYR A 118 11.49 3.76 -14.10
C TYR A 118 10.92 5.15 -13.78
N ASP A 119 11.40 5.81 -12.72
CA ASP A 119 10.85 7.08 -12.20
C ASP A 119 9.31 7.01 -12.26
N GLY A 120 8.72 5.89 -11.83
CA GLY A 120 7.26 5.78 -11.59
C GLY A 120 6.42 5.55 -12.85
N ALA A 121 7.04 5.49 -14.02
CA ALA A 121 6.34 5.24 -15.31
C ALA A 121 6.60 3.81 -15.78
N ASP A 122 5.59 3.17 -16.37
CA ASP A 122 5.70 1.82 -16.98
C ASP A 122 7.01 1.77 -17.75
N TYR A 123 7.72 0.65 -17.63
CA TYR A 123 9.01 0.39 -18.32
C TYR A 123 8.84 -0.90 -19.11
N ILE A 124 8.78 -2.06 -18.43
CA ILE A 124 8.57 -3.36 -19.11
C ILE A 124 7.77 -4.29 -18.20
N ALA A 125 7.01 -5.19 -18.81
CA ALA A 125 6.05 -6.08 -18.12
C ALA A 125 6.01 -7.40 -18.86
N LEU A 126 6.07 -8.49 -18.10
CA LEU A 126 5.83 -9.83 -18.64
C LEU A 126 4.33 -9.91 -18.92
N ASN A 127 3.97 -10.24 -20.16
CA ASN A 127 2.57 -10.48 -20.60
C ASN A 127 2.09 -11.78 -19.94
N GLU A 128 0.79 -11.99 -19.86
CA GLU A 128 0.12 -13.05 -19.07
C GLU A 128 0.39 -14.44 -19.68
N ASP A 129 0.92 -14.52 -20.91
CA ASP A 129 1.39 -15.77 -21.57
C ASP A 129 2.70 -16.28 -20.96
N LEU A 130 3.44 -15.38 -20.30
CA LEU A 130 4.69 -15.60 -19.53
C LEU A 130 5.83 -15.88 -20.50
N THR A 131 5.75 -15.35 -21.72
CA THR A 131 6.72 -15.60 -22.82
C THR A 131 7.18 -14.28 -23.48
N SER A 132 6.27 -13.33 -23.65
CA SER A 132 6.56 -12.03 -24.33
C SER A 132 6.46 -10.88 -23.32
N TRP A 133 7.17 -9.80 -23.61
CA TRP A 133 7.24 -8.55 -22.82
C TRP A 133 6.54 -7.42 -23.58
N THR A 134 5.91 -6.50 -22.84
CA THR A 134 5.41 -5.18 -23.33
C THR A 134 6.37 -4.10 -22.84
N ALA A 135 7.11 -3.46 -23.75
CA ALA A 135 8.02 -2.34 -23.44
C ALA A 135 7.22 -1.04 -23.60
N ALA A 136 7.37 -0.11 -22.66
CA ALA A 136 6.65 1.17 -22.66
C ALA A 136 7.26 2.15 -23.66
N ASP A 137 8.53 2.01 -24.04
CA ASP A 137 9.26 3.08 -24.79
C ASP A 137 10.49 2.48 -25.48
N MET A 138 11.28 3.33 -26.12
CA MET A 138 12.43 2.91 -26.98
C MET A 138 13.57 2.39 -26.10
N ALA A 139 13.76 2.95 -24.91
CA ALA A 139 14.75 2.44 -23.93
C ALA A 139 14.35 1.00 -23.54
N ALA A 140 13.10 0.79 -23.14
CA ALA A 140 12.62 -0.53 -22.65
C ALA A 140 12.68 -1.56 -23.78
N GLN A 141 12.62 -1.10 -25.04
CA GLN A 141 12.69 -1.99 -26.23
C GLN A 141 14.06 -2.67 -26.27
N ILE A 142 15.11 -1.91 -25.95
CA ILE A 142 16.50 -2.46 -25.79
C ILE A 142 16.42 -3.61 -24.79
N THR A 143 15.87 -3.35 -23.60
CA THR A 143 15.70 -4.40 -22.55
C THR A 143 14.91 -5.58 -23.14
N LYS A 144 13.81 -5.32 -23.85
CA LYS A 144 12.94 -6.40 -24.39
C LYS A 144 13.75 -7.31 -25.34
N ARG A 145 14.53 -6.74 -26.26
CA ARG A 145 15.30 -7.54 -27.25
C ARG A 145 16.34 -8.40 -26.52
N LYS A 146 17.06 -7.80 -25.55
CA LYS A 146 18.10 -8.45 -24.71
C LYS A 146 17.49 -9.61 -23.88
N TRP A 147 16.37 -9.40 -23.19
CA TRP A 147 15.70 -10.44 -22.36
C TRP A 147 15.05 -11.51 -23.25
N GLU A 148 14.56 -11.15 -24.44
CA GLU A 148 14.01 -12.17 -25.38
C GLU A 148 15.18 -12.99 -25.96
N ALA A 149 16.26 -12.34 -26.42
CA ALA A 149 17.48 -12.99 -26.94
C ALA A 149 18.01 -14.01 -25.92
N ALA A 150 17.99 -13.69 -24.63
CA ALA A 150 18.60 -14.51 -23.56
C ALA A 150 17.59 -15.55 -23.03
N GLY A 151 16.31 -15.44 -23.36
CA GLY A 151 15.26 -16.33 -22.82
C GLY A 151 15.07 -16.18 -21.31
N ASP A 152 15.12 -14.94 -20.78
CA ASP A 152 14.95 -14.63 -19.32
C ASP A 152 13.55 -15.02 -18.82
N ALA A 153 12.52 -14.92 -19.66
CA ALA A 153 11.11 -15.18 -19.28
C ALA A 153 10.95 -16.60 -18.74
N GLU A 154 11.72 -17.58 -19.24
CA GLU A 154 11.62 -18.99 -18.79
C GLU A 154 11.93 -19.03 -17.28
N HIS A 155 12.88 -18.23 -16.83
CA HIS A 155 13.30 -18.23 -15.41
C HIS A 155 12.15 -17.69 -14.56
N TYR A 156 11.41 -16.69 -15.04
CA TYR A 156 10.27 -16.17 -14.24
C TYR A 156 9.13 -17.20 -14.33
N ARG A 157 8.97 -17.80 -15.51
CA ARG A 157 8.01 -18.93 -15.76
C ARG A 157 8.22 -20.02 -14.74
N SER A 158 9.47 -20.47 -14.63
CA SER A 158 9.94 -21.51 -13.67
C SER A 158 9.46 -21.12 -12.27
N TYR A 159 9.97 -19.99 -11.77
CA TYR A 159 9.70 -19.45 -10.41
C TYR A 159 8.19 -19.46 -10.16
N LEU A 160 7.42 -19.05 -11.16
CA LEU A 160 5.98 -18.71 -11.08
C LEU A 160 5.14 -19.98 -10.97
N GLU A 161 5.26 -20.89 -11.93
CA GLU A 161 4.51 -22.18 -11.95
C GLU A 161 5.05 -23.11 -10.86
N GLY A 162 6.25 -22.82 -10.30
CA GLY A 162 6.89 -23.64 -9.26
C GLY A 162 6.76 -23.02 -7.87
N LEU A 163 7.81 -22.32 -7.43
CA LEU A 163 7.97 -21.73 -6.06
C LEU A 163 6.80 -20.84 -5.65
N CYS A 164 6.35 -19.91 -6.50
CA CYS A 164 5.43 -18.83 -6.09
C CYS A 164 4.12 -19.44 -5.57
N VAL A 165 3.49 -20.31 -6.37
CA VAL A 165 2.21 -20.99 -6.03
C VAL A 165 2.43 -21.85 -4.78
N LYS A 166 3.56 -22.55 -4.68
CA LYS A 166 3.94 -23.45 -3.55
C LYS A 166 4.00 -22.67 -2.24
N TRP A 167 4.75 -21.57 -2.20
CA TRP A 167 4.95 -20.75 -0.98
C TRP A 167 3.69 -19.95 -0.62
N LEU A 168 2.93 -19.51 -1.61
CA LEU A 168 1.60 -18.91 -1.35
C LEU A 168 0.76 -19.90 -0.52
N GLN A 169 0.63 -21.15 -0.97
CA GLN A 169 -0.15 -22.19 -0.23
C GLN A 169 0.45 -22.41 1.16
N ILE A 170 1.77 -22.50 1.31
CA ILE A 170 2.40 -22.64 2.66
C ILE A 170 1.90 -21.51 3.57
N TYR A 171 2.05 -20.24 3.13
CA TYR A 171 1.74 -19.01 3.91
C TYR A 171 0.25 -18.99 4.30
N LEU A 172 -0.64 -19.36 3.37
CA LEU A 172 -2.10 -19.35 3.59
C LEU A 172 -2.47 -20.38 4.68
N ASP A 173 -1.75 -21.51 4.72
CA ASP A 173 -1.90 -22.57 5.75
C ASP A 173 -1.37 -22.04 7.10
N LYS A 174 -0.08 -21.72 7.16
CA LYS A 174 0.58 -21.23 8.40
C LYS A 174 -0.18 -20.02 8.98
N GLY A 175 -0.90 -19.26 8.14
CA GLY A 175 -1.57 -18.02 8.56
C GLY A 175 -3.07 -18.14 8.52
N LYS A 176 -3.62 -19.36 8.42
CA LYS A 176 -5.07 -19.67 8.30
C LYS A 176 -5.92 -18.72 9.18
N GLU A 177 -5.61 -18.59 10.47
CA GLU A 177 -6.47 -17.92 11.48
C GLU A 177 -6.58 -16.41 11.18
N THR A 178 -5.60 -15.89 10.44
CA THR A 178 -5.46 -14.46 10.07
C THR A 178 -5.93 -14.27 8.63
N LEU A 179 -5.25 -14.93 7.68
CA LEU A 179 -5.33 -14.64 6.21
C LEU A 179 -6.67 -15.11 5.64
N GLN A 180 -7.15 -16.30 6.09
CA GLN A 180 -8.36 -16.99 5.57
C GLN A 180 -9.55 -16.73 6.51
N ARG A 181 -9.40 -15.88 7.53
CA ARG A 181 -10.52 -15.36 8.37
C ARG A 181 -10.76 -13.87 8.02
N ALA A 182 -11.86 -13.59 7.31
CA ALA A 182 -12.30 -12.21 7.03
C ALA A 182 -12.89 -11.60 8.31
N ASP A 183 -12.43 -10.41 8.72
CA ASP A 183 -13.06 -9.62 9.81
C ASP A 183 -14.11 -8.71 9.19
N PRO A 184 -15.40 -8.79 9.59
CA PRO A 184 -16.42 -7.89 9.07
C PRO A 184 -16.20 -6.47 9.55
N PRO A 185 -16.68 -5.44 8.80
CA PRO A 185 -16.73 -4.07 9.32
C PRO A 185 -17.73 -3.98 10.48
N LYS A 186 -17.41 -3.14 11.47
CA LYS A 186 -18.41 -2.61 12.42
C LYS A 186 -18.82 -1.26 11.86
N ALA A 187 -20.09 -1.14 11.46
CA ALA A 187 -20.65 0.05 10.80
C ALA A 187 -21.47 0.86 11.81
N HIS A 188 -21.31 2.18 11.80
CA HIS A 188 -22.22 3.11 12.50
C HIS A 188 -22.37 4.38 11.64
N VAL A 189 -23.43 5.15 11.88
CA VAL A 189 -23.68 6.47 11.24
C VAL A 189 -23.46 7.54 12.29
N THR A 190 -22.74 8.60 11.94
CA THR A 190 -22.68 9.82 12.78
C THR A 190 -23.39 10.96 12.05
N HIS A 191 -23.63 12.05 12.77
CA HIS A 191 -24.58 13.14 12.44
C HIS A 191 -23.87 14.44 12.80
N HIS A 192 -23.50 15.27 11.83
CA HIS A 192 -22.62 16.45 12.08
C HIS A 192 -23.28 17.69 11.48
N PRO A 193 -24.14 18.39 12.27
CA PRO A 193 -24.84 19.57 11.79
C PRO A 193 -23.86 20.56 11.13
N VAL A 194 -24.21 21.14 9.99
CA VAL A 194 -23.32 22.09 9.25
C VAL A 194 -23.97 23.48 9.21
N SER A 195 -25.29 23.56 8.97
CA SER A 195 -26.06 24.80 8.69
C SER A 195 -27.57 24.50 8.71
N ALA A 196 -28.40 25.52 8.43
CA ALA A 196 -29.88 25.38 8.43
C ALA A 196 -30.32 24.45 7.30
N ARG A 197 -29.53 24.42 6.21
CA ARG A 197 -29.85 23.66 4.97
C ARG A 197 -29.25 22.26 5.05
N GLU A 198 -28.13 22.07 5.77
CA GLU A 198 -27.28 20.86 5.63
C GLU A 198 -26.95 20.18 6.96
N VAL A 199 -27.16 18.87 7.00
CA VAL A 199 -26.61 17.97 8.06
C VAL A 199 -25.76 16.92 7.36
N THR A 200 -24.50 16.73 7.77
CA THR A 200 -23.64 15.64 7.23
C THR A 200 -24.01 14.30 7.91
N LEU A 201 -24.49 13.33 7.12
CA LEU A 201 -24.60 11.92 7.57
C LEU A 201 -23.31 11.20 7.14
N ARG A 202 -22.55 10.70 8.10
CA ARG A 202 -21.28 9.99 7.83
C ARG A 202 -21.50 8.54 8.23
N CYS A 203 -21.29 7.66 7.26
CA CYS A 203 -21.31 6.20 7.43
C CYS A 203 -19.86 5.68 7.52
N TRP A 204 -19.56 4.96 8.59
CA TRP A 204 -18.21 4.51 9.01
C TRP A 204 -18.15 2.99 8.88
N ALA A 205 -17.08 2.48 8.29
CA ALA A 205 -16.74 1.04 8.28
C ALA A 205 -15.38 0.90 8.95
N LEU A 206 -15.35 0.19 10.08
CA LEU A 206 -14.14 0.11 10.92
C LEU A 206 -13.82 -1.36 11.17
N GLY A 207 -12.54 -1.66 11.31
CA GLY A 207 -12.06 -2.96 11.84
C GLY A 207 -12.19 -4.09 10.84
N PHE A 208 -12.23 -3.81 9.53
CA PHE A 208 -12.46 -4.87 8.52
C PHE A 208 -11.12 -5.32 7.91
N TYR A 209 -11.10 -6.60 7.52
CA TYR A 209 -10.03 -7.27 6.74
C TYR A 209 -10.72 -8.32 5.87
N PRO A 210 -10.38 -8.47 4.56
CA PRO A 210 -9.38 -7.65 3.87
C PRO A 210 -9.88 -6.24 3.53
N ALA A 211 -9.06 -5.48 2.78
CA ALA A 211 -9.28 -4.04 2.50
C ALA A 211 -10.49 -3.82 1.61
N ASP A 212 -10.80 -4.74 0.72
CA ASP A 212 -11.84 -4.49 -0.32
C ASP A 212 -13.20 -4.34 0.38
N ILE A 213 -13.97 -3.32 0.00
CA ILE A 213 -15.29 -2.98 0.60
C ILE A 213 -16.06 -2.07 -0.36
N SER A 214 -17.39 -2.15 -0.32
CA SER A 214 -18.26 -1.13 -0.96
C SER A 214 -19.15 -0.52 0.13
N LEU A 215 -19.08 0.80 0.20
CA LEU A 215 -19.76 1.74 1.09
C LEU A 215 -20.53 2.69 0.20
N THR A 216 -21.86 2.63 0.21
CA THR A 216 -22.73 3.57 -0.55
C THR A 216 -23.85 4.10 0.34
N TRP A 217 -24.32 5.26 -0.09
CA TRP A 217 -25.52 5.94 0.42
C TRP A 217 -26.62 5.82 -0.65
N GLN A 218 -27.84 5.53 -0.21
CA GLN A 218 -29.06 5.67 -1.03
C GLN A 218 -30.01 6.63 -0.34
N ARG A 219 -30.60 7.52 -1.14
CA ARG A 219 -31.80 8.34 -0.83
C ARG A 219 -33.05 7.69 -1.45
N ASP A 220 -33.97 7.17 -0.63
CA ASP A 220 -35.20 6.45 -1.07
C ASP A 220 -34.86 5.53 -2.26
N GLY A 221 -33.93 4.58 -2.09
CA GLY A 221 -33.56 3.55 -3.09
C GLY A 221 -32.65 4.05 -4.22
N GLU A 222 -32.18 5.30 -4.19
CA GLU A 222 -31.52 6.01 -5.31
C GLU A 222 -30.05 6.30 -5.00
N ASP A 223 -29.11 5.60 -5.64
CA ASP A 223 -27.67 5.68 -5.31
C ASP A 223 -27.15 7.13 -5.42
N GLN A 224 -26.37 7.56 -4.42
CA GLN A 224 -25.87 8.94 -4.22
C GLN A 224 -24.38 9.05 -4.54
N THR A 225 -23.78 8.07 -5.24
CA THR A 225 -22.31 7.98 -5.50
C THR A 225 -21.81 9.29 -6.13
N GLN A 226 -22.57 9.91 -7.03
CA GLN A 226 -22.11 11.11 -7.78
C GLN A 226 -22.04 12.33 -6.84
N ASP A 227 -22.75 12.29 -5.72
CA ASP A 227 -22.87 13.48 -4.84
C ASP A 227 -22.63 13.04 -3.40
N MET A 228 -21.62 12.19 -3.17
CA MET A 228 -21.20 11.81 -1.79
C MET A 228 -19.69 11.90 -1.68
N GLU A 229 -19.22 12.27 -0.50
CA GLU A 229 -17.79 12.25 -0.13
C GLU A 229 -17.44 10.82 0.32
N LEU A 230 -16.38 10.26 -0.28
CA LEU A 230 -15.87 8.88 -0.09
C LEU A 230 -14.36 8.98 0.14
N VAL A 231 -13.84 8.59 1.30
CA VAL A 231 -12.37 8.65 1.51
C VAL A 231 -11.76 7.35 0.98
N GLU A 232 -10.50 7.41 0.58
CA GLU A 232 -9.66 6.22 0.30
C GLU A 232 -9.58 5.32 1.56
N THR A 233 -9.77 4.01 1.36
CA THR A 233 -9.58 2.97 2.40
C THR A 233 -8.19 3.18 3.02
N ARG A 234 -8.13 3.13 4.36
CA ARG A 234 -6.94 3.51 5.16
C ARG A 234 -6.65 2.44 6.20
N PRO A 235 -5.35 2.19 6.51
CA PRO A 235 -4.98 1.22 7.53
C PRO A 235 -5.27 1.79 8.91
N ALA A 236 -5.94 0.99 9.76
CA ALA A 236 -6.18 1.29 11.18
C ALA A 236 -4.85 1.29 11.95
N GLY A 237 -3.87 0.52 11.48
CA GLY A 237 -2.55 0.37 12.14
C GLY A 237 -2.44 -0.94 12.92
N ASP A 238 -3.53 -1.70 13.04
CA ASP A 238 -3.60 -2.97 13.81
C ASP A 238 -3.84 -4.12 12.82
N GLY A 239 -3.58 -3.91 11.54
CA GLY A 239 -3.84 -4.92 10.49
C GLY A 239 -5.26 -4.88 9.93
N THR A 240 -6.15 -4.03 10.44
CA THR A 240 -7.51 -3.84 9.87
C THR A 240 -7.58 -2.50 9.11
N PHE A 241 -8.71 -2.25 8.43
CA PHE A 241 -8.85 -1.07 7.54
C PHE A 241 -10.07 -0.26 7.92
N GLN A 242 -10.11 0.99 7.44
CA GLN A 242 -11.19 1.97 7.71
C GLN A 242 -11.62 2.63 6.42
N LYS A 243 -12.88 3.05 6.39
CA LYS A 243 -13.42 3.85 5.27
C LYS A 243 -14.65 4.58 5.79
N TRP A 244 -14.98 5.71 5.19
CA TRP A 244 -16.28 6.34 5.40
C TRP A 244 -16.75 6.98 4.11
N ALA A 245 -18.07 7.12 4.04
CA ALA A 245 -18.86 7.80 2.98
C ALA A 245 -19.79 8.79 3.68
N ALA A 246 -19.93 9.99 3.14
CA ALA A 246 -20.80 11.00 3.77
C ALA A 246 -21.60 11.72 2.71
N VAL A 247 -22.79 12.17 3.11
CA VAL A 247 -23.72 12.99 2.28
C VAL A 247 -24.17 14.18 3.11
N GLY A 248 -24.33 15.33 2.44
CA GLY A 248 -25.07 16.50 2.97
C GLY A 248 -26.55 16.35 2.68
N VAL A 249 -27.36 16.27 3.74
CA VAL A 249 -28.84 16.10 3.67
C VAL A 249 -29.50 17.30 4.37
N PRO A 250 -30.65 17.81 3.87
CA PRO A 250 -31.45 18.77 4.64
C PRO A 250 -31.92 18.19 5.98
N PRO A 251 -31.82 18.95 7.10
CA PRO A 251 -32.26 18.46 8.40
C PRO A 251 -33.74 18.03 8.34
N GLY A 252 -34.14 16.99 9.07
CA GLY A 252 -35.46 16.34 9.01
C GLY A 252 -35.51 15.20 7.99
N GLU A 253 -34.74 15.31 6.90
CA GLU A 253 -34.67 14.32 5.79
C GLU A 253 -33.91 13.05 6.19
N GLU A 254 -33.22 13.04 7.32
CA GLU A 254 -32.22 11.99 7.68
C GLU A 254 -32.74 10.60 7.36
N GLN A 255 -34.01 10.29 7.66
CA GLN A 255 -34.57 8.90 7.56
C GLN A 255 -34.83 8.49 6.09
N ARG A 256 -34.69 9.40 5.12
CA ARG A 256 -34.69 9.04 3.67
C ARG A 256 -33.40 8.29 3.29
N TYR A 257 -32.32 8.42 4.07
CA TYR A 257 -30.96 7.95 3.69
C TYR A 257 -30.60 6.61 4.35
N THR A 258 -30.09 5.68 3.54
CA THR A 258 -29.65 4.33 3.98
C THR A 258 -28.21 4.18 3.53
N CYS A 259 -27.35 3.65 4.39
CA CYS A 259 -25.95 3.40 4.06
C CYS A 259 -25.82 1.90 3.84
N HIS A 260 -25.11 1.52 2.78
CA HIS A 260 -25.00 0.10 2.39
C HIS A 260 -23.55 -0.32 2.57
N VAL A 261 -23.34 -1.45 3.25
CA VAL A 261 -21.99 -2.03 3.42
C VAL A 261 -21.98 -3.47 2.92
N GLN A 262 -21.07 -3.75 1.98
CA GLN A 262 -20.78 -5.10 1.45
C GLN A 262 -19.30 -5.40 1.72
N HIS A 263 -19.03 -6.60 2.22
CA HIS A 263 -17.68 -7.12 2.58
C HIS A 263 -17.75 -8.64 2.71
N GLU A 264 -16.74 -9.34 2.22
CA GLU A 264 -16.76 -10.82 2.18
C GLU A 264 -16.95 -11.40 3.58
N GLY A 265 -16.77 -10.59 4.63
CA GLY A 265 -16.88 -11.00 6.04
C GLY A 265 -18.30 -10.88 6.58
N LEU A 266 -19.23 -10.39 5.76
CA LEU A 266 -20.65 -10.24 6.15
C LEU A 266 -21.49 -11.34 5.49
N PRO A 267 -22.15 -12.21 6.30
CA PRO A 267 -23.12 -13.16 5.75
C PRO A 267 -24.10 -12.39 4.84
N GLU A 268 -24.66 -11.29 5.36
CA GLU A 268 -25.63 -10.40 4.66
C GLU A 268 -24.99 -9.01 4.49
N PRO A 269 -25.29 -8.28 3.39
CA PRO A 269 -25.03 -6.83 3.35
C PRO A 269 -25.71 -6.10 4.52
N LEU A 270 -24.99 -5.16 5.14
CA LEU A 270 -25.55 -4.26 6.18
C LEU A 270 -26.31 -3.12 5.48
N THR A 271 -27.50 -2.84 5.98
CA THR A 271 -28.27 -1.60 5.74
C THR A 271 -28.42 -0.93 7.10
N LEU A 272 -28.06 0.35 7.21
CA LEU A 272 -28.24 1.13 8.46
C LEU A 272 -28.44 2.60 8.12
N LYS A 273 -28.94 3.35 9.10
CA LYS A 273 -29.34 4.77 8.96
C LYS A 273 -28.98 5.48 10.27
N TRP A 274 -29.20 6.81 10.30
CA TRP A 274 -29.07 7.65 11.51
C TRP A 274 -29.95 7.09 12.65
N GLU A 275 -29.37 6.95 13.84
CA GLU A 275 -29.91 6.32 15.08
C GLU A 275 -30.60 4.99 14.71
N GLU B 1 5.95 15.81 -13.79
CA GLU B 1 6.87 14.71 -13.31
C GLU B 1 6.35 14.26 -11.94
N PRO B 2 6.63 14.92 -10.79
CA PRO B 2 6.26 14.38 -9.48
C PRO B 2 4.74 14.30 -9.27
N ARG B 3 4.30 13.38 -8.42
CA ARG B 3 2.88 13.17 -8.09
C ARG B 3 2.66 13.60 -6.64
N THR B 4 1.61 14.36 -6.37
CA THR B 4 1.41 14.98 -5.06
C THR B 4 0.72 13.97 -4.15
N PRO B 5 1.22 13.85 -2.91
CA PRO B 5 0.65 12.93 -1.92
C PRO B 5 -0.74 13.38 -1.46
N LYS B 6 -1.66 12.43 -1.28
CA LYS B 6 -2.92 12.60 -0.53
C LYS B 6 -2.62 12.30 0.93
N ILE B 7 -3.36 12.93 1.84
CA ILE B 7 -3.09 12.97 3.30
C ILE B 7 -4.41 12.73 4.03
N GLN B 8 -4.50 11.71 4.88
CA GLN B 8 -5.56 11.59 5.91
C GLN B 8 -4.91 11.47 7.28
N VAL B 9 -5.43 12.23 8.25
CA VAL B 9 -4.99 12.16 9.67
C VAL B 9 -6.20 11.73 10.48
N TYR B 10 -6.06 10.65 11.26
CA TYR B 10 -7.21 10.02 11.96
C TYR B 10 -6.70 9.20 13.13
N SER B 11 -7.59 8.87 14.07
CA SER B 11 -7.29 7.98 15.22
C SER B 11 -7.65 6.54 14.86
N ARG B 12 -6.91 5.58 15.39
CA ARG B 12 -7.28 4.15 15.20
C ARG B 12 -8.71 3.94 15.71
N HIS B 13 -9.07 4.50 16.86
CA HIS B 13 -10.39 4.31 17.51
C HIS B 13 -11.09 5.65 17.66
N PRO B 14 -12.43 5.66 17.80
CA PRO B 14 -13.14 6.91 18.02
C PRO B 14 -12.53 7.58 19.27
N ALA B 15 -12.25 8.87 19.16
CA ALA B 15 -11.42 9.63 20.14
C ALA B 15 -12.30 9.90 21.36
N GLU B 16 -11.78 9.62 22.55
CA GLU B 16 -12.45 10.04 23.80
C GLU B 16 -11.41 10.81 24.62
N ASN B 17 -11.73 12.03 25.02
CA ASN B 17 -10.78 12.84 25.81
C ASN B 17 -10.37 11.99 27.00
N GLY B 18 -9.05 11.83 27.19
CA GLY B 18 -8.44 11.11 28.32
C GLY B 18 -8.17 9.64 28.04
N LYS B 19 -8.66 9.06 26.94
CA LYS B 19 -8.42 7.64 26.61
C LYS B 19 -7.26 7.56 25.63
N PRO B 20 -6.16 6.89 26.01
CA PRO B 20 -5.03 6.70 25.11
C PRO B 20 -5.49 5.92 23.87
N ASN B 21 -4.86 6.26 22.73
CA ASN B 21 -5.33 5.92 21.38
C ASN B 21 -4.10 6.00 20.48
N TYR B 22 -4.27 5.86 19.17
CA TYR B 22 -3.16 5.85 18.20
C TYR B 22 -3.52 6.83 17.10
N LEU B 23 -2.61 7.76 16.84
CA LEU B 23 -2.78 8.87 15.88
C LEU B 23 -2.09 8.44 14.60
N ASN B 24 -2.82 8.41 13.49
CA ASN B 24 -2.34 7.94 12.18
C ASN B 24 -2.22 9.12 11.22
N CYS B 25 -1.18 9.10 10.40
CA CYS B 25 -1.10 9.92 9.16
C CYS B 25 -0.85 8.96 8.00
N TYR B 26 -1.83 8.79 7.13
CA TYR B 26 -1.73 7.93 5.94
C TYR B 26 -1.45 8.82 4.73
N VAL B 27 -0.26 8.73 4.14
CA VAL B 27 0.07 9.57 2.96
C VAL B 27 0.46 8.68 1.78
N TYR B 28 -0.23 8.87 0.65
CA TYR B 28 -0.35 7.89 -0.46
C TYR B 28 -0.46 8.66 -1.78
N GLY B 29 -0.24 7.97 -2.90
CA GLY B 29 -0.29 8.56 -4.24
C GLY B 29 0.96 9.36 -4.61
N PHE B 30 2.05 9.33 -3.83
CA PHE B 30 3.19 10.25 -4.13
C PHE B 30 4.28 9.56 -4.96
N HIS B 31 5.06 10.38 -5.65
CA HIS B 31 6.30 10.03 -6.40
C HIS B 31 7.07 11.32 -6.68
N PRO B 32 8.39 11.43 -6.46
CA PRO B 32 9.27 10.34 -5.99
C PRO B 32 9.13 9.94 -4.53
N PRO B 33 9.77 8.82 -4.10
CA PRO B 33 9.56 8.25 -2.76
C PRO B 33 10.14 9.05 -1.58
N GLN B 34 11.09 9.94 -1.85
CA GLN B 34 11.64 10.87 -0.83
C GLN B 34 10.49 11.70 -0.27
N ILE B 35 10.28 11.69 1.05
CA ILE B 35 9.15 12.43 1.68
C ILE B 35 9.48 12.63 3.15
N GLU B 36 9.02 13.74 3.72
CA GLU B 36 9.13 14.05 5.17
C GLU B 36 7.71 14.00 5.73
N ILE B 37 7.47 13.11 6.67
CA ILE B 37 6.13 12.97 7.31
C ILE B 37 6.34 13.00 8.81
N ASP B 38 5.79 14.00 9.50
CA ASP B 38 5.85 14.15 10.98
C ASP B 38 4.45 14.27 11.58
N LEU B 39 4.26 13.76 12.80
CA LEU B 39 3.06 14.09 13.62
C LEU B 39 3.44 15.18 14.61
N LEU B 40 2.61 16.24 14.68
CA LEU B 40 2.90 17.42 15.54
C LEU B 40 1.82 17.53 16.63
N LYS B 41 2.26 17.73 17.87
CA LYS B 41 1.41 18.13 19.01
C LYS B 41 1.66 19.61 19.28
N ASN B 42 0.64 20.46 19.10
CA ASN B 42 0.73 21.94 19.21
C ASN B 42 1.92 22.44 18.38
N GLY B 43 2.06 21.94 17.15
CA GLY B 43 3.09 22.39 16.20
C GLY B 43 4.47 21.78 16.45
N GLN B 44 4.63 20.96 17.51
CA GLN B 44 5.92 20.37 17.95
C GLN B 44 5.98 18.90 17.50
N LYS B 45 7.15 18.45 17.05
CA LYS B 45 7.32 17.14 16.37
C LYS B 45 7.23 16.04 17.42
N MET B 46 6.36 15.04 17.22
CA MET B 46 6.21 13.87 18.14
C MET B 46 7.11 12.72 17.68
N LYS B 47 7.50 11.83 18.59
CA LYS B 47 8.21 10.56 18.27
C LYS B 47 7.23 9.67 17.50
N THR B 48 7.60 9.17 16.32
CA THR B 48 6.69 8.37 15.45
C THR B 48 7.38 7.11 14.92
N GLU B 49 6.55 6.14 14.55
CA GLU B 49 6.91 5.00 13.68
C GLU B 49 6.29 5.22 12.28
N GLN B 50 7.01 4.77 11.25
CA GLN B 50 6.71 4.84 9.80
C GLN B 50 6.66 3.41 9.30
N SER B 51 5.67 3.01 8.52
CA SER B 51 5.57 1.66 7.92
C SER B 51 6.74 1.45 6.95
N ASP B 52 6.88 0.24 6.43
CA ASP B 52 7.87 -0.07 5.37
C ASP B 52 7.34 0.55 4.07
N LEU B 53 8.22 1.17 3.28
CA LEU B 53 7.83 1.78 1.98
C LEU B 53 7.27 0.68 1.10
N SER B 54 6.06 0.88 0.57
CA SER B 54 5.46 0.04 -0.49
C SER B 54 4.78 0.99 -1.49
N PHE B 55 4.19 0.43 -2.54
CA PHE B 55 3.60 1.24 -3.63
C PHE B 55 2.41 0.48 -4.22
N SER B 56 1.52 1.18 -4.93
CA SER B 56 0.24 0.64 -5.51
C SER B 56 0.44 0.23 -6.99
N LYS B 57 -0.60 -0.32 -7.62
CA LYS B 57 -0.61 -0.76 -9.04
C LYS B 57 -0.04 0.35 -9.92
N ASP B 58 -0.35 1.62 -9.64
CA ASP B 58 0.05 2.78 -10.49
C ASP B 58 1.47 3.24 -10.15
N TRP B 59 2.17 2.56 -9.24
CA TRP B 59 3.61 2.77 -8.89
C TRP B 59 3.78 3.86 -7.84
N SER B 60 2.71 4.57 -7.48
CA SER B 60 2.74 5.63 -6.44
C SER B 60 2.91 4.98 -5.07
N PHE B 61 3.74 5.59 -4.21
CA PHE B 61 4.10 5.11 -2.85
C PHE B 61 3.02 5.44 -1.82
N TYR B 62 3.01 4.70 -0.72
CA TYR B 62 2.14 4.96 0.44
C TYR B 62 2.92 4.58 1.69
N LEU B 63 2.77 5.40 2.74
CA LEU B 63 3.34 5.16 4.09
C LEU B 63 2.24 5.41 5.13
N LEU B 64 2.29 4.69 6.25
CA LEU B 64 1.56 5.04 7.50
C LEU B 64 2.58 5.56 8.52
N VAL B 65 2.35 6.75 9.04
CA VAL B 65 3.14 7.29 10.18
C VAL B 65 2.21 7.35 11.41
N HIS B 66 2.63 6.86 12.55
CA HIS B 66 1.72 6.73 13.72
C HIS B 66 2.50 6.91 15.03
N THR B 67 1.75 7.27 16.08
CA THR B 67 2.22 7.38 17.48
C THR B 67 1.05 7.12 18.43
N ASP B 68 1.37 6.91 19.69
CA ASP B 68 0.43 6.97 20.83
C ASP B 68 -0.01 8.43 21.01
N PHE B 69 -1.28 8.62 21.34
CA PHE B 69 -1.74 9.93 21.82
C PHE B 69 -2.97 9.71 22.70
N THR B 70 -3.22 10.74 23.50
CA THR B 70 -4.37 10.93 24.39
C THR B 70 -5.03 12.24 23.97
N PRO B 71 -6.20 12.15 23.31
CA PRO B 71 -6.91 13.35 22.91
C PRO B 71 -7.32 14.14 24.16
N SER B 72 -7.45 15.47 24.00
CA SER B 72 -7.87 16.42 25.04
C SER B 72 -8.60 17.57 24.35
N THR B 73 -9.18 18.48 25.13
CA THR B 73 -9.75 19.76 24.61
C THR B 73 -8.60 20.74 24.40
N VAL B 74 -7.46 20.49 25.06
CA VAL B 74 -6.31 21.43 25.18
C VAL B 74 -5.49 21.42 23.89
N ASP B 75 -5.32 20.24 23.28
CA ASP B 75 -4.19 19.95 22.36
C ASP B 75 -4.70 19.87 20.92
N GLU B 76 -3.91 20.43 20.01
CA GLU B 76 -4.10 20.31 18.55
C GLU B 76 -3.11 19.25 18.06
N TYR B 77 -3.57 18.41 17.13
CA TYR B 77 -2.69 17.44 16.46
C TYR B 77 -2.79 17.70 14.97
N SER B 78 -1.68 17.48 14.30
CA SER B 78 -1.52 17.74 12.86
C SER B 78 -0.47 16.78 12.29
N CYS B 79 -0.62 16.47 11.02
CA CYS B 79 0.38 15.76 10.21
C CYS B 79 1.00 16.77 9.24
N ARG B 80 2.33 16.88 9.25
CA ARG B 80 3.13 17.72 8.33
C ARG B 80 3.81 16.80 7.32
N VAL B 81 3.54 17.05 6.04
CA VAL B 81 4.12 16.36 4.85
C VAL B 81 4.89 17.39 4.00
N ASN B 82 6.16 17.10 3.69
CA ASN B 82 6.94 17.85 2.67
C ASN B 82 7.41 16.85 1.60
N HIS B 83 7.23 17.21 0.33
CA HIS B 83 7.50 16.37 -0.86
C HIS B 83 7.79 17.31 -2.05
N SER B 84 8.51 16.85 -3.08
CA SER B 84 8.98 17.70 -4.22
C SER B 84 7.77 18.26 -5.00
N SER B 85 6.63 17.59 -4.93
CA SER B 85 5.38 18.03 -5.59
C SER B 85 4.82 19.30 -4.95
N LEU B 86 5.28 19.70 -3.77
CA LEU B 86 4.64 20.80 -3.00
C LEU B 86 5.58 22.01 -2.93
N ALA B 87 5.04 23.22 -2.93
CA ALA B 87 5.81 24.48 -2.84
C ALA B 87 6.40 24.62 -1.44
N ALA B 88 5.67 24.12 -0.44
CA ALA B 88 6.08 24.15 0.96
C ALA B 88 5.33 23.07 1.73
N PRO B 89 5.75 22.74 2.97
CA PRO B 89 5.15 21.61 3.68
C PRO B 89 3.63 21.87 3.84
N HIS B 90 2.82 20.85 3.66
CA HIS B 90 1.36 20.90 4.00
C HIS B 90 1.15 20.34 5.40
N MET B 91 0.33 21.00 6.20
CA MET B 91 -0.08 20.48 7.52
C MET B 91 -1.58 20.20 7.49
N VAL B 92 -1.97 19.03 7.99
CA VAL B 92 -3.40 18.59 8.03
C VAL B 92 -3.76 18.40 9.48
N LYS B 93 -4.69 19.21 9.98
CA LYS B 93 -5.15 19.15 11.39
C LYS B 93 -5.89 17.81 11.59
N TRP B 94 -5.67 17.18 12.74
CA TRP B 94 -6.50 16.05 13.22
C TRP B 94 -7.81 16.61 13.74
N ASP B 95 -8.92 16.11 13.22
CA ASP B 95 -10.29 16.39 13.68
C ASP B 95 -10.96 15.03 13.97
N ARG B 96 -11.57 14.84 15.14
CA ARG B 96 -12.11 13.51 15.57
C ARG B 96 -13.21 12.99 14.62
N ASN B 97 -13.88 13.87 13.84
CA ASN B 97 -14.99 13.50 12.92
C ASN B 97 -14.45 12.93 11.58
N ASN B 98 -13.16 13.12 11.26
CA ASN B 98 -12.54 12.69 9.98
C ASN B 98 -11.80 11.36 10.16
N THR C 1 8.40 -16.89 -0.96
CA THR C 1 9.87 -16.74 -1.19
C THR C 1 10.04 -15.92 -2.47
N PRO C 2 10.97 -14.93 -2.44
CA PRO C 2 11.16 -14.02 -3.57
C PRO C 2 12.02 -14.63 -4.69
N GLN C 3 12.43 -13.80 -5.65
CA GLN C 3 13.15 -14.19 -6.89
C GLN C 3 13.85 -12.93 -7.40
N SER C 4 15.05 -13.06 -7.94
CA SER C 4 15.83 -11.94 -8.54
C SER C 4 16.05 -12.24 -10.03
N ALA C 5 15.86 -11.22 -10.88
CA ALA C 5 15.95 -11.36 -12.36
C ALA C 5 17.32 -11.93 -12.72
N PRO C 6 17.40 -12.89 -13.66
CA PRO C 6 18.71 -13.38 -14.12
C PRO C 6 19.66 -12.24 -14.51
N HIS C 7 19.17 -11.27 -15.28
CA HIS C 7 19.96 -10.19 -15.91
C HIS C 7 19.36 -8.82 -15.61
N GLY C 8 20.22 -7.79 -15.64
CA GLY C 8 19.87 -6.36 -15.66
C GLY C 8 19.16 -5.98 -16.94
N VAL C 9 18.54 -4.81 -16.94
CA VAL C 9 17.72 -4.26 -18.06
C VAL C 9 18.62 -3.84 -19.23
#